data_1O4X
#
_entry.id   1O4X
#
loop_
_entity.id
_entity.type
_entity.pdbx_description
1 polymer "5'-D(*TP*GP*TP*CP*TP*TP*TP*GP*TP*CP*AP*TP*GP*CP*TP*AP*AP*TP*G)-3'"
2 polymer "5'-D(*CP*AP*TP*TP*AP*GP*CP*AP*TP*GP*AP*CP*AP*AP*AP*GP*AP*CP*A)-3'"
3 polymer 'transcription factor Oct-1'
4 polymer 'Transcription factor SOX-2'
#
loop_
_entity_poly.entity_id
_entity_poly.type
_entity_poly.pdbx_seq_one_letter_code
_entity_poly.pdbx_strand_id
1 'polydeoxyribonucleotide' (DT)(DG)(DT)(DC)(DT)(DT)(DT)(DG)(DT)(DC)(DA)(DT)(DG)(DC)(DT)(DA)(DA)(DT)(DG) C
2 'polydeoxyribonucleotide' (DC)(DA)(DT)(DT)(DA)(DG)(DC)(DA)(DT)(DG)(DA)(DC)(DA)(DA)(DA)(DG)(DA)(DC)(DA) D
3 'polypeptide(L)'
;GSHMEEPSDLEELEQFAKTFKQRRIKLGFTQGDVGLAMGKLYGNDFSQTTISRFEALNLSFKNMAKLKPLLEKWLNDAEN
LSSDSSLSSPSALNSPGIEGLSERRKKRTSIETNIRVALEKSFLENQKPTSEEITMIADQLNMEKEVIRVWFCNRRQKEK
RINPPSS
;
A
4 'polypeptide(L)'
;GSHMPDRVKRPMNAFMVWSRGQRRKMAQENPKMHNSEISKRLGAEWKLLSETEKRPFIDEAKRLRALHMKEHPDYKYRPR
RKTKTLMK
;
B
#
loop_
_chem_comp.id
_chem_comp.type
_chem_comp.name
_chem_comp.formula
DA DNA linking 2'-DEOXYADENOSINE-5'-MONOPHOSPHATE 'C10 H14 N5 O6 P'
DC DNA linking 2'-DEOXYCYTIDINE-5'-MONOPHOSPHATE 'C9 H14 N3 O7 P'
DG DNA linking 2'-DEOXYGUANOSINE-5'-MONOPHOSPHATE 'C10 H14 N5 O7 P'
DT DNA linking THYMIDINE-5'-MONOPHOSPHATE 'C10 H15 N2 O8 P'
#
# COMPACT_ATOMS: atom_id res chain seq x y z
N GLU C 5 -7.20 7.62 32.06
CA GLU C 5 -6.96 7.37 30.61
C GLU C 5 -7.33 8.57 29.73
N GLU C 6 -6.33 9.12 29.06
CA GLU C 6 -6.49 10.27 28.16
C GLU C 6 -6.48 9.84 26.69
N PRO C 7 -5.54 8.95 26.31
CA PRO C 7 -5.50 8.51 24.90
C PRO C 7 -6.75 7.74 24.50
N SER C 8 -7.00 7.71 23.20
CA SER C 8 -8.16 7.01 22.64
C SER C 8 -8.15 5.52 23.04
N ASP C 9 -9.30 5.00 23.47
CA ASP C 9 -9.39 3.58 23.82
C ASP C 9 -9.73 2.87 22.51
N LEU C 10 -9.83 1.55 22.58
CA LEU C 10 -10.07 0.76 21.38
C LEU C 10 -11.31 1.14 20.60
N GLU C 11 -12.42 1.36 21.30
CA GLU C 11 -13.65 1.73 20.59
C GLU C 11 -13.52 3.08 19.92
N GLU C 12 -12.83 4.01 20.56
CA GLU C 12 -12.67 5.33 19.97
C GLU C 12 -11.75 5.27 18.74
N LEU C 13 -10.71 4.45 18.81
CA LEU C 13 -9.77 4.30 17.68
C LEU C 13 -10.52 3.68 16.49
N GLU C 14 -11.41 2.73 16.76
CA GLU C 14 -12.19 2.11 15.71
C GLU C 14 -13.07 3.15 15.02
N GLN C 15 -13.58 4.10 15.82
CA GLN C 15 -14.45 5.15 15.27
C GLN C 15 -13.61 6.15 14.44
N PHE C 16 -12.45 6.53 14.96
CA PHE C 16 -11.57 7.44 14.25
C PHE C 16 -11.19 6.80 12.90
N ALA C 17 -10.89 5.50 12.92
CA ALA C 17 -10.49 4.78 11.68
C ALA C 17 -11.61 4.83 10.67
N LYS C 18 -12.82 4.65 11.18
CA LYS C 18 -14.01 4.69 10.35
C LYS C 18 -14.11 6.08 9.71
N THR C 19 -14.05 7.10 10.56
CA THR C 19 -14.17 8.48 10.13
C THR C 19 -13.10 8.90 9.12
N PHE C 20 -11.86 8.55 9.45
CA PHE C 20 -10.73 8.86 8.60
C PHE C 20 -10.93 8.28 7.21
N LYS C 21 -11.32 7.00 7.13
CA LYS C 21 -11.50 6.36 5.83
C LYS C 21 -12.64 6.99 5.05
N GLN C 22 -13.70 7.38 5.75
CA GLN C 22 -14.82 8.02 5.07
C GLN C 22 -14.42 9.35 4.46
N ARG C 23 -13.71 10.17 5.22
CA ARG C 23 -13.26 11.48 4.78
C ARG C 23 -12.27 11.33 3.61
N ARG C 24 -11.36 10.38 3.73
CA ARG C 24 -10.40 10.15 2.64
C ARG C 24 -11.12 9.86 1.35
N ILE C 25 -12.07 8.93 1.39
CA ILE C 25 -12.80 8.55 0.20
C ILE C 25 -13.68 9.70 -0.27
N LYS C 26 -14.33 10.35 0.67
CA LYS C 26 -15.20 11.47 0.29
C LYS C 26 -14.37 12.50 -0.48
N LEU C 27 -13.15 12.78 -0.02
CA LEU C 27 -12.28 13.74 -0.66
C LEU C 27 -11.57 13.25 -1.92
N GLY C 28 -11.73 11.97 -2.24
CA GLY C 28 -11.13 11.42 -3.45
C GLY C 28 -9.66 11.05 -3.39
N PHE C 29 -9.14 10.82 -2.19
CA PHE C 29 -7.73 10.45 -2.05
C PHE C 29 -7.54 8.90 -1.92
N THR C 30 -6.47 8.37 -2.46
CA THR C 30 -6.15 6.94 -2.32
C THR C 30 -5.36 6.84 -1.02
N GLN C 31 -5.13 5.63 -0.52
CA GLN C 31 -4.37 5.47 0.71
C GLN C 31 -2.96 5.99 0.43
N GLY C 32 -2.50 5.73 -0.80
CA GLY C 32 -1.16 6.19 -1.17
C GLY C 32 -1.07 7.73 -1.13
N ASP C 33 -2.08 8.38 -1.68
CA ASP C 33 -2.15 9.86 -1.71
C ASP C 33 -1.98 10.41 -0.30
N VAL C 34 -2.73 9.83 0.65
CA VAL C 34 -2.59 10.30 2.02
C VAL C 34 -1.21 10.09 2.60
N GLY C 35 -0.63 8.92 2.34
CA GLY C 35 0.68 8.65 2.88
C GLY C 35 1.67 9.69 2.34
N LEU C 36 1.52 10.02 1.08
CA LEU C 36 2.43 11.00 0.44
C LEU C 36 2.20 12.40 1.04
N ALA C 37 0.94 12.78 1.23
CA ALA C 37 0.58 14.11 1.81
C ALA C 37 1.14 14.29 3.22
N MET C 38 1.16 13.21 3.99
CA MET C 38 1.68 13.24 5.32
C MET C 38 3.17 13.65 5.29
N GLY C 39 3.89 13.21 4.27
CA GLY C 39 5.28 13.61 4.20
C GLY C 39 5.36 15.08 3.73
N LYS C 40 4.61 15.43 2.70
CA LYS C 40 4.70 16.81 2.19
C LYS C 40 4.21 17.86 3.16
N LEU C 41 3.12 17.57 3.86
CA LEU C 41 2.53 18.55 4.76
C LEU C 41 2.99 18.50 6.20
N TYR C 42 3.30 17.30 6.69
CA TYR C 42 3.68 17.19 8.07
C TYR C 42 5.06 16.66 8.36
N GLY C 43 5.83 16.39 7.30
CA GLY C 43 7.18 15.97 7.53
C GLY C 43 7.45 14.52 7.83
N ASN C 44 6.44 13.67 7.70
CA ASN C 44 6.64 12.24 8.00
C ASN C 44 5.78 11.45 7.03
N ASP C 45 6.33 11.06 5.90
CA ASP C 45 5.50 10.31 4.97
C ASP C 45 5.24 8.87 5.49
N PHE C 46 4.14 8.30 5.03
CA PHE C 46 3.78 6.95 5.36
C PHE C 46 3.48 6.18 4.11
N SER C 47 3.67 4.85 4.13
CA SER C 47 3.39 4.06 2.96
C SER C 47 1.90 3.72 2.80
N GLN C 48 1.53 3.31 1.61
CA GLN C 48 0.12 2.86 1.37
C GLN C 48 -0.17 1.70 2.36
N THR C 49 0.83 0.84 2.53
CA THR C 49 0.66 -0.32 3.46
C THR C 49 0.25 0.13 4.88
N THR C 50 0.93 1.13 5.40
CA THR C 50 0.62 1.59 6.76
C THR C 50 -0.77 2.22 6.83
N ILE C 51 -1.12 2.99 5.80
CA ILE C 51 -2.47 3.63 5.78
C ILE C 51 -3.53 2.50 5.72
N SER C 52 -3.30 1.48 4.87
CA SER C 52 -4.24 0.33 4.80
C SER C 52 -4.35 -0.36 6.17
N ARG C 53 -3.21 -0.62 6.84
CA ARG C 53 -3.27 -1.31 8.16
C ARG C 53 -3.99 -0.44 9.21
N PHE C 54 -3.68 0.84 9.18
CA PHE C 54 -4.34 1.71 10.11
C PHE C 54 -5.87 1.66 9.92
N GLU C 55 -6.35 1.83 8.68
CA GLU C 55 -7.80 1.86 8.39
C GLU C 55 -8.52 0.56 8.72
N ALA C 56 -7.78 -0.52 8.73
CA ALA C 56 -8.33 -1.84 9.08
C ALA C 56 -8.06 -2.27 10.53
N LEU C 57 -7.35 -1.42 11.27
CA LEU C 57 -6.84 -1.67 12.61
C LEU C 57 -5.97 -2.97 12.60
N ASN C 58 -5.29 -3.22 11.48
CA ASN C 58 -4.35 -4.39 11.42
C ASN C 58 -2.99 -3.99 12.00
N LEU C 59 -3.00 -3.39 13.20
CA LEU C 59 -1.82 -2.98 13.90
C LEU C 59 -2.16 -3.16 15.39
N SER C 60 -1.14 -3.13 16.22
CA SER C 60 -1.37 -3.24 17.65
C SER C 60 -2.02 -1.94 18.17
N PHE C 61 -2.62 -2.00 19.34
CA PHE C 61 -3.21 -0.80 19.92
C PHE C 61 -2.06 0.19 20.19
N LYS C 62 -0.90 -0.32 20.59
CA LYS C 62 0.24 0.55 20.81
C LYS C 62 0.62 1.36 19.54
N ASN C 63 0.65 0.70 18.40
CA ASN C 63 1.05 1.40 17.14
C ASN C 63 -0.06 2.34 16.64
N MET C 64 -1.31 1.89 16.71
CA MET C 64 -2.46 2.72 16.32
C MET C 64 -2.47 4.01 17.13
N ALA C 65 -2.11 3.92 18.41
CA ALA C 65 -2.10 5.07 19.30
C ALA C 65 -1.05 6.09 18.87
N LYS C 66 0.10 5.62 18.40
CA LYS C 66 1.17 6.50 17.92
C LYS C 66 0.68 7.20 16.66
N LEU C 67 0.16 6.44 15.71
CA LEU C 67 -0.31 7.00 14.44
C LEU C 67 -1.57 7.93 14.44
N LYS C 68 -2.49 7.70 15.37
CA LYS C 68 -3.73 8.46 15.31
C LYS C 68 -3.51 9.96 15.38
N PRO C 69 -2.71 10.44 16.34
CA PRO C 69 -2.43 11.88 16.47
C PRO C 69 -1.85 12.44 15.15
N LEU C 70 -0.97 11.68 14.52
CA LEU C 70 -0.36 12.15 13.27
C LEU C 70 -1.37 12.23 12.15
N LEU C 71 -2.19 11.19 11.99
CA LEU C 71 -3.18 11.21 10.93
C LEU C 71 -4.26 12.21 11.22
N GLU C 72 -4.39 12.59 12.49
CA GLU C 72 -5.43 13.52 12.82
C GLU C 72 -5.07 14.92 12.27
N LYS C 73 -3.79 15.25 12.18
CA LYS C 73 -3.45 16.56 11.61
C LYS C 73 -3.90 16.56 10.17
N TRP C 74 -3.70 15.44 9.47
CA TRP C 74 -4.11 15.39 8.07
C TRP C 74 -5.58 15.56 7.90
N LEU C 75 -6.34 14.82 8.71
CA LEU C 75 -7.80 14.83 8.65
C LEU C 75 -8.34 16.25 8.87
N ASN C 76 -7.91 16.89 9.93
CA ASN C 76 -8.35 18.25 10.22
C ASN C 76 -8.09 19.16 9.00
N ASP C 77 -6.85 19.22 8.55
CA ASP C 77 -6.47 20.07 7.41
C ASP C 77 -7.14 19.74 6.08
N ALA C 78 -7.39 18.46 5.79
CA ALA C 78 -8.01 18.07 4.53
C ALA C 78 -9.41 18.67 4.45
N GLU C 79 -9.96 19.06 5.60
CA GLU C 79 -11.29 19.67 5.72
C GLU C 79 -11.24 21.19 5.47
N SER C 110 18.30 -0.74 0.31
CA SER C 110 17.86 -2.09 -0.08
C SER C 110 19.06 -2.89 -0.58
N ILE C 111 19.31 -4.04 0.03
CA ILE C 111 20.46 -4.90 -0.28
C ILE C 111 20.28 -5.78 -1.53
N GLU C 112 21.33 -5.83 -2.34
CA GLU C 112 21.32 -6.60 -3.58
C GLU C 112 21.22 -8.10 -3.36
N THR C 113 20.58 -8.78 -4.29
CA THR C 113 20.38 -10.23 -4.22
C THR C 113 21.65 -11.04 -4.04
N ASN C 114 22.71 -10.68 -4.75
CA ASN C 114 23.97 -11.39 -4.65
C ASN C 114 24.67 -11.11 -3.32
N ILE C 115 24.59 -9.87 -2.85
CA ILE C 115 25.21 -9.50 -1.59
C ILE C 115 24.58 -10.32 -0.45
N ARG C 116 23.25 -10.51 -0.54
CA ARG C 116 22.52 -11.28 0.45
C ARG C 116 23.12 -12.68 0.61
N VAL C 117 23.14 -13.43 -0.49
CA VAL C 117 23.68 -14.78 -0.48
C VAL C 117 25.05 -14.85 0.19
N ALA C 118 25.96 -13.97 -0.22
CA ALA C 118 27.31 -13.94 0.34
C ALA C 118 27.21 -13.65 1.83
N LEU C 119 26.37 -12.68 2.18
CA LEU C 119 26.18 -12.35 3.58
C LEU C 119 25.75 -13.60 4.34
N GLU C 120 24.81 -14.35 3.78
CA GLU C 120 24.33 -15.58 4.42
C GLU C 120 25.48 -16.57 4.59
N LYS C 121 26.30 -16.69 3.55
CA LYS C 121 27.45 -17.59 3.58
C LYS C 121 28.31 -17.19 4.77
N SER C 122 28.61 -15.90 4.86
CA SER C 122 29.42 -15.40 5.96
C SER C 122 28.81 -15.76 7.30
N PHE C 123 27.53 -15.41 7.47
CA PHE C 123 26.83 -15.70 8.72
C PHE C 123 27.09 -17.16 9.13
N LEU C 124 27.04 -18.03 8.12
CA LEU C 124 27.29 -19.46 8.33
C LEU C 124 28.66 -19.71 8.96
N GLU C 125 29.67 -19.03 8.43
CA GLU C 125 31.02 -19.18 8.97
C GLU C 125 31.08 -18.62 10.37
N ASN C 126 30.79 -17.33 10.51
CA ASN C 126 30.81 -16.67 11.81
C ASN C 126 29.52 -15.88 12.02
N GLN C 127 28.77 -16.25 13.05
CA GLN C 127 27.51 -15.59 13.37
C GLN C 127 27.74 -14.19 13.95
N LYS C 128 28.83 -14.01 14.71
CA LYS C 128 29.11 -12.72 15.34
C LYS C 128 30.48 -12.10 15.03
N PRO C 129 30.68 -11.58 13.80
CA PRO C 129 31.95 -10.97 13.40
C PRO C 129 32.20 -9.68 14.17
N THR C 130 33.47 -9.40 14.47
CA THR C 130 33.86 -8.22 15.23
C THR C 130 33.82 -6.96 14.37
N SER C 131 33.93 -5.81 15.04
CA SER C 131 33.90 -4.54 14.34
C SER C 131 34.91 -4.57 13.19
N GLU C 132 36.04 -5.23 13.43
CA GLU C 132 37.09 -5.35 12.42
C GLU C 132 36.66 -6.29 11.30
N GLU C 133 36.23 -7.51 11.70
CA GLU C 133 35.75 -8.45 10.71
C GLU C 133 34.71 -7.81 9.79
N ILE C 134 33.75 -7.18 10.49
CA ILE C 134 32.68 -6.46 9.83
C ILE C 134 33.16 -5.39 8.83
N THR C 135 34.06 -4.51 9.27
CA THR C 135 34.57 -3.45 8.41
C THR C 135 35.15 -4.03 7.13
N MET C 136 35.85 -5.14 7.30
CA MET C 136 36.43 -5.83 6.16
C MET C 136 35.35 -6.23 5.16
N ILE C 137 34.44 -7.06 5.68
CA ILE C 137 33.30 -7.56 4.92
C ILE C 137 32.56 -6.44 4.18
N ALA C 138 32.49 -5.26 4.80
CA ALA C 138 31.82 -4.12 4.18
C ALA C 138 32.55 -3.69 2.93
N ASP C 139 33.81 -3.24 3.11
CA ASP C 139 34.58 -2.86 1.97
C ASP C 139 34.61 -3.95 0.93
N GLN C 140 34.87 -5.18 1.40
CA GLN C 140 34.89 -6.35 0.52
C GLN C 140 33.66 -6.41 -0.39
N LEU C 141 32.50 -6.06 0.18
CA LEU C 141 31.24 -6.07 -0.57
C LEU C 141 30.91 -4.69 -1.09
N ASN C 142 31.68 -3.70 -0.65
CA ASN C 142 31.45 -2.32 -1.05
C ASN C 142 30.05 -1.96 -0.58
N MET C 143 29.90 -1.93 0.75
CA MET C 143 28.64 -1.62 1.41
C MET C 143 29.02 -0.83 2.64
N GLU C 144 28.15 0.08 3.06
CA GLU C 144 28.41 0.89 4.24
C GLU C 144 28.55 0.00 5.49
N LYS C 145 29.45 0.35 6.39
CA LYS C 145 29.68 -0.43 7.60
C LYS C 145 28.44 -0.66 8.45
N GLU C 146 27.77 0.42 8.82
CA GLU C 146 26.58 0.35 9.67
C GLU C 146 25.52 -0.60 9.12
N VAL C 147 25.33 -0.59 7.80
CA VAL C 147 24.37 -1.45 7.13
C VAL C 147 24.71 -2.90 7.36
N ILE C 148 25.99 -3.19 7.31
CA ILE C 148 26.46 -4.55 7.51
C ILE C 148 26.36 -4.96 8.98
N ARG C 149 26.69 -4.05 9.88
CA ARG C 149 26.63 -4.34 11.30
C ARG C 149 25.17 -4.70 11.62
N VAL C 150 24.25 -3.91 11.08
CA VAL C 150 22.83 -4.11 11.32
C VAL C 150 22.32 -5.42 10.72
N TRP C 151 22.85 -5.80 9.55
CA TRP C 151 22.43 -7.02 8.88
C TRP C 151 22.74 -8.23 9.73
N PHE C 152 23.94 -8.26 10.31
CA PHE C 152 24.31 -9.36 11.18
C PHE C 152 23.49 -9.34 12.47
N CYS C 153 23.21 -8.14 12.97
CA CYS C 153 22.37 -8.08 14.15
C CYS C 153 20.97 -8.64 13.87
N ASN C 154 20.39 -8.24 12.74
CA ASN C 154 19.07 -8.72 12.35
C ASN C 154 19.09 -10.23 12.10
N ARG C 155 20.20 -10.71 11.55
CA ARG C 155 20.30 -12.13 11.26
C ARG C 155 20.39 -12.99 12.53
N ARG C 156 21.11 -12.50 13.54
CA ARG C 156 21.22 -13.22 14.82
C ARG C 156 19.84 -13.24 15.51
N GLN C 157 19.11 -12.14 15.35
CA GLN C 157 17.76 -12.06 15.93
C GLN C 157 16.83 -13.06 15.26
N LYS C 158 16.87 -13.13 13.94
CA LYS C 158 16.01 -14.03 13.19
C LYS C 158 16.29 -15.49 13.57
N GLU C 159 17.55 -15.79 13.83
CA GLU C 159 17.96 -17.13 14.20
C GLU C 159 17.42 -17.53 15.57
N LYS C 160 17.11 -16.54 16.42
CA LYS C 160 16.59 -16.84 17.75
C LYS C 160 15.06 -17.01 17.71
N ARG C 161 14.43 -16.74 16.56
CA ARG C 161 12.98 -16.88 16.46
C ARG C 161 12.56 -18.35 16.49
N ILE C 162 11.32 -18.61 16.91
CA ILE C 162 10.78 -19.97 16.94
C ILE C 162 10.67 -20.41 15.49
N ASN C 163 10.00 -19.62 14.69
CA ASN C 163 9.85 -19.88 13.26
C ASN C 163 10.48 -18.77 12.41
N ASP D 6 -25.60 -14.56 -1.34
CA ASP D 6 -25.19 -13.54 -2.34
C ASP D 6 -23.92 -12.84 -1.87
N ARG D 7 -22.83 -13.05 -2.55
CA ARG D 7 -21.56 -12.39 -2.14
C ARG D 7 -21.47 -11.01 -2.78
N VAL D 8 -20.90 -10.05 -2.09
CA VAL D 8 -20.80 -8.68 -2.65
C VAL D 8 -19.49 -8.55 -3.44
N LYS D 9 -19.60 -8.08 -4.64
CA LYS D 9 -18.39 -7.94 -5.50
C LYS D 9 -17.76 -6.55 -5.27
N ARG D 10 -16.49 -6.42 -5.56
CA ARG D 10 -15.78 -5.13 -5.31
C ARG D 10 -16.26 -4.05 -6.28
N PRO D 11 -16.21 -2.80 -5.88
CA PRO D 11 -16.60 -1.67 -6.77
C PRO D 11 -15.76 -1.68 -8.04
N MET D 12 -16.35 -1.37 -9.16
CA MET D 12 -15.57 -1.39 -10.43
C MET D 12 -14.65 -0.17 -10.50
N ASN D 13 -13.40 -0.38 -10.86
CA ASN D 13 -12.43 0.75 -10.91
C ASN D 13 -12.62 1.57 -12.18
N ALA D 14 -12.00 2.73 -12.22
CA ALA D 14 -12.16 3.63 -13.41
C ALA D 14 -11.90 2.87 -14.71
N PHE D 15 -10.98 1.94 -14.73
CA PHE D 15 -10.73 1.21 -16.01
C PHE D 15 -11.84 0.21 -16.26
N MET D 16 -12.25 -0.54 -15.25
CA MET D 16 -13.33 -1.50 -15.49
C MET D 16 -14.60 -0.79 -15.94
N VAL D 17 -14.95 0.30 -15.29
CA VAL D 17 -16.16 1.06 -15.72
C VAL D 17 -15.93 1.56 -17.15
N TRP D 18 -14.80 2.16 -17.39
CA TRP D 18 -14.47 2.70 -18.75
C TRP D 18 -14.36 1.56 -19.78
N SER D 19 -14.01 0.37 -19.35
CA SER D 19 -13.92 -0.75 -20.33
C SER D 19 -15.32 -1.32 -20.59
N ARG D 20 -16.16 -1.35 -19.59
CA ARG D 20 -17.53 -1.90 -19.81
C ARG D 20 -18.14 -1.23 -21.05
N GLY D 21 -18.11 0.07 -21.12
CA GLY D 21 -18.70 0.76 -22.30
C GLY D 21 -17.72 0.77 -23.47
N GLN D 22 -16.45 0.92 -23.22
CA GLN D 22 -15.47 0.93 -24.34
C GLN D 22 -15.35 -0.49 -24.91
N ARG D 23 -15.32 -1.47 -24.04
CA ARG D 23 -15.21 -2.89 -24.50
C ARG D 23 -16.36 -3.21 -25.46
N ARG D 24 -17.56 -2.80 -25.17
CA ARG D 24 -18.68 -3.07 -26.10
C ARG D 24 -18.50 -2.27 -27.38
N LYS D 25 -17.99 -1.06 -27.27
CA LYS D 25 -17.78 -0.22 -28.49
C LYS D 25 -16.83 -0.96 -29.44
N MET D 26 -15.75 -1.45 -28.90
CA MET D 26 -14.75 -2.19 -29.73
C MET D 26 -15.34 -3.50 -30.24
N ALA D 27 -16.19 -4.13 -29.50
CA ALA D 27 -16.77 -5.43 -29.95
C ALA D 27 -17.73 -5.18 -31.12
N GLN D 28 -18.49 -4.12 -31.10
CA GLN D 28 -19.38 -3.85 -32.23
C GLN D 28 -18.58 -3.50 -33.48
N GLU D 29 -17.51 -2.77 -33.28
CA GLU D 29 -16.62 -2.42 -34.43
C GLU D 29 -15.70 -3.60 -34.71
N ASN D 30 -15.38 -4.35 -33.68
CA ASN D 30 -14.50 -5.54 -33.85
C ASN D 30 -15.17 -6.74 -33.18
N PRO D 31 -16.29 -7.16 -33.70
CA PRO D 31 -17.06 -8.32 -33.13
C PRO D 31 -16.40 -9.68 -33.38
N LYS D 32 -15.34 -9.76 -34.14
CA LYS D 32 -14.66 -11.03 -34.35
C LYS D 32 -13.32 -11.04 -33.65
N MET D 33 -12.97 -9.95 -33.01
CA MET D 33 -11.69 -9.90 -32.26
C MET D 33 -11.91 -10.56 -30.90
N HIS D 34 -10.98 -11.36 -30.44
CA HIS D 34 -11.16 -12.03 -29.16
C HIS D 34 -10.93 -11.04 -28.01
N ASN D 35 -11.60 -11.21 -26.90
CA ASN D 35 -11.38 -10.24 -25.78
C ASN D 35 -9.91 -10.25 -25.39
N SER D 36 -9.21 -11.33 -25.60
CA SER D 36 -7.79 -11.35 -25.21
C SER D 36 -7.02 -10.28 -25.98
N GLU D 37 -7.32 -10.09 -27.24
CA GLU D 37 -6.60 -9.06 -28.01
C GLU D 37 -7.22 -7.69 -27.75
N ILE D 38 -8.54 -7.61 -27.69
CA ILE D 38 -9.15 -6.28 -27.42
C ILE D 38 -8.65 -5.80 -26.07
N SER D 39 -8.64 -6.65 -25.08
CA SER D 39 -8.17 -6.22 -23.75
C SER D 39 -6.78 -5.63 -23.88
N LYS D 40 -5.98 -6.14 -24.78
CA LYS D 40 -4.61 -5.57 -24.98
C LYS D 40 -4.67 -4.20 -25.66
N ARG D 41 -5.48 -4.01 -26.68
CA ARG D 41 -5.53 -2.71 -27.33
C ARG D 41 -6.17 -1.67 -26.41
N LEU D 42 -7.19 -2.05 -25.69
CA LEU D 42 -7.83 -1.08 -24.76
C LEU D 42 -6.79 -0.62 -23.75
N GLY D 43 -5.99 -1.53 -23.25
CA GLY D 43 -4.96 -1.11 -22.26
C GLY D 43 -3.99 -0.15 -22.94
N ALA D 44 -3.64 -0.42 -24.18
CA ALA D 44 -2.76 0.48 -24.91
C ALA D 44 -3.41 1.84 -25.12
N GLU D 45 -4.68 1.84 -25.51
CA GLU D 45 -5.40 3.10 -25.69
C GLU D 45 -5.64 3.78 -24.35
N TRP D 46 -5.99 3.01 -23.34
CA TRP D 46 -6.25 3.59 -22.00
C TRP D 46 -5.00 4.30 -21.48
N LYS D 47 -3.84 3.78 -21.74
CA LYS D 47 -2.61 4.45 -21.25
C LYS D 47 -2.37 5.75 -22.01
N LEU D 48 -3.06 5.99 -23.11
CA LEU D 48 -2.82 7.22 -23.88
C LEU D 48 -3.80 8.32 -23.50
N LEU D 49 -4.79 8.04 -22.68
CA LEU D 49 -5.75 9.10 -22.29
C LEU D 49 -5.05 10.06 -21.32
N SER D 50 -5.44 11.32 -21.29
CA SER D 50 -4.82 12.25 -20.36
C SER D 50 -5.50 12.19 -19.00
N GLU D 51 -4.94 12.79 -17.98
CA GLU D 51 -5.59 12.73 -16.64
C GLU D 51 -6.90 13.51 -16.68
N THR D 52 -6.94 14.63 -17.37
CA THR D 52 -8.18 15.37 -17.46
C THR D 52 -9.28 14.54 -18.12
N GLU D 53 -8.91 13.85 -19.17
CA GLU D 53 -9.89 12.98 -19.86
C GLU D 53 -10.20 11.77 -18.97
N LYS D 54 -9.22 11.26 -18.26
CA LYS D 54 -9.48 10.09 -17.37
C LYS D 54 -10.21 10.55 -16.10
N ARG D 55 -10.00 11.78 -15.67
CA ARG D 55 -10.64 12.26 -14.45
C ARG D 55 -12.12 11.91 -14.43
N PRO D 56 -12.92 12.27 -15.42
CA PRO D 56 -14.37 11.95 -15.42
C PRO D 56 -14.64 10.47 -15.13
N PHE D 57 -13.76 9.59 -15.51
CA PHE D 57 -13.97 8.14 -15.24
C PHE D 57 -13.50 7.81 -13.83
N ILE D 58 -12.49 8.50 -13.32
CA ILE D 58 -12.05 8.23 -11.97
C ILE D 58 -13.10 8.73 -10.96
N ASP D 59 -13.63 9.91 -11.18
CA ASP D 59 -14.65 10.40 -10.30
C ASP D 59 -15.85 9.48 -10.26
N GLU D 60 -16.26 8.96 -11.40
CA GLU D 60 -17.41 8.02 -11.41
C GLU D 60 -17.05 6.77 -10.61
N ALA D 61 -15.87 6.23 -10.79
CA ALA D 61 -15.49 5.04 -10.00
C ALA D 61 -15.51 5.42 -8.53
N LYS D 62 -15.06 6.62 -8.23
CA LYS D 62 -15.09 7.10 -6.86
C LYS D 62 -16.51 7.19 -6.34
N ARG D 63 -17.42 7.67 -7.19
CA ARG D 63 -18.82 7.75 -6.79
C ARG D 63 -19.42 6.36 -6.64
N LEU D 64 -19.10 5.48 -7.55
CA LEU D 64 -19.60 4.08 -7.44
C LEU D 64 -19.03 3.47 -6.17
N ARG D 65 -17.81 3.80 -5.80
CA ARG D 65 -17.24 3.26 -4.57
C ARG D 65 -17.93 3.82 -3.34
N ALA D 66 -18.23 5.10 -3.35
CA ALA D 66 -18.94 5.69 -2.18
C ALA D 66 -20.36 5.15 -2.14
N LEU D 67 -21.03 5.13 -3.27
CA LEU D 67 -22.39 4.58 -3.29
C LEU D 67 -22.39 3.08 -2.94
N HIS D 68 -21.37 2.40 -3.41
CA HIS D 68 -21.26 0.95 -3.07
C HIS D 68 -21.08 0.83 -1.55
N MET D 69 -20.32 1.72 -0.97
CA MET D 69 -20.10 1.70 0.47
C MET D 69 -21.38 2.02 1.23
N LYS D 70 -22.27 2.79 0.62
CA LYS D 70 -23.51 3.11 1.29
C LYS D 70 -24.43 1.90 1.36
N GLU D 71 -24.39 1.08 0.32
CA GLU D 71 -25.19 -0.13 0.36
C GLU D 71 -24.65 -1.13 1.38
N HIS D 72 -23.34 -1.27 1.45
CA HIS D 72 -22.73 -2.15 2.43
C HIS D 72 -21.65 -1.42 3.23
N PRO D 73 -22.04 -0.60 4.17
CA PRO D 73 -21.10 0.20 5.00
C PRO D 73 -20.12 -0.67 5.82
N ASP D 74 -20.41 -1.96 6.00
CA ASP D 74 -19.55 -2.80 6.76
C ASP D 74 -18.77 -3.75 5.86
N TYR D 75 -18.88 -3.58 4.57
CA TYR D 75 -18.15 -4.47 3.63
C TYR D 75 -16.64 -4.32 3.79
N LYS D 76 -15.93 -5.40 3.69
CA LYS D 76 -14.45 -5.34 3.81
C LYS D 76 -13.82 -6.17 2.69
N TYR D 77 -12.76 -5.69 2.10
CA TYR D 77 -12.09 -6.49 1.05
C TYR D 77 -11.24 -7.55 1.75
N ARG D 78 -11.53 -8.80 1.53
CA ARG D 78 -10.79 -9.88 2.21
C ARG D 78 -10.34 -10.91 1.18
N PRO D 79 -9.21 -10.70 0.53
CA PRO D 79 -8.71 -11.62 -0.52
C PRO D 79 -8.29 -12.98 0.03
N ARG D 80 -8.38 -14.00 -0.78
CA ARG D 80 -7.98 -15.35 -0.31
C ARG D 80 -6.49 -15.56 -0.58
N ARG D 81 -5.75 -15.90 0.43
CA ARG D 81 -4.30 -16.12 0.25
C ARG D 81 -4.05 -17.57 -0.18
N LYS D 82 -3.14 -17.78 -1.08
CA LYS D 82 -2.81 -19.16 -1.54
C LYS D 82 -1.64 -19.68 -0.71
#